data_1JG3
#
_entry.id   1JG3
#
_cell.length_a   91.573
_cell.length_b   91.573
_cell.length_c   124.547
_cell.angle_alpha   90.00
_cell.angle_beta   90.00
_cell.angle_gamma   120.00
#
_symmetry.space_group_name_H-M   'P 61'
#
loop_
_entity.id
_entity.type
_entity.pdbx_description
1 polymer 'protein-L-isoaspartate O-methyltransferase'
2 polymer VYP(L-iso-ASP)HA
3 non-polymer 'CHLORIDE ION'
4 non-polymer 'SODIUM ION'
5 non-polymer ADENOSINE
6 water water
#
loop_
_entity_poly.entity_id
_entity_poly.type
_entity_poly.pdbx_seq_one_letter_code
_entity_poly.pdbx_strand_id
1 'polypeptide(L)'
;MHLYSSDFPLMMDEKELYEKWMRTVEMLKAEGIIRSKEVERAFLKYPRYLSVEDKYKKYAHIDEPLPIPAGQTVSAPHMV
AIMLEIANLKPGMNILEVGTGSGWNAALISEIVKTDVYTIERIPELVEFAKRNLERAGVKNVHVILGDGSKGFPPKAPYD
VIIVTAGAPKIPEPLIEQLKIGGKLIIPVGSYHLWQELLEVRKTKDGIKIKNHGGVAFVPLIGEYGWKEHHHHHH
;
A,B
2 'polypeptide(L)' VYP(IAS)HA C,D
#
loop_
_chem_comp.id
_chem_comp.type
_chem_comp.name
_chem_comp.formula
ADN non-polymer ADENOSINE 'C10 H13 N5 O4'
CL non-polymer 'CHLORIDE ION' 'Cl -1'
IAS L-beta-peptide, C-gamma linking 'BETA-L-ASPARTIC ACID' 'C4 H7 N O4'
NA non-polymer 'SODIUM ION' 'Na 1'
#
# COMPACT_ATOMS: atom_id res chain seq x y z
N GLU A 14 4.26 20.63 20.34
CA GLU A 14 3.88 19.66 19.26
C GLU A 14 2.35 19.53 19.18
N LYS A 15 1.72 19.29 20.32
CA LYS A 15 0.27 19.16 20.35
C LYS A 15 -0.34 20.47 19.84
N GLU A 16 0.28 21.58 20.23
CA GLU A 16 -0.16 22.90 19.82
C GLU A 16 -0.01 23.05 18.31
N LEU A 17 1.16 22.68 17.81
CA LEU A 17 1.45 22.75 16.37
C LEU A 17 0.44 21.95 15.56
N TYR A 18 0.09 20.76 16.05
CA TYR A 18 -0.86 19.91 15.34
C TYR A 18 -2.27 20.47 15.36
N GLU A 19 -2.66 21.07 16.49
CA GLU A 19 -3.99 21.65 16.62
C GLU A 19 -4.13 22.81 15.64
N LYS A 20 -3.05 23.58 15.49
CA LYS A 20 -3.08 24.70 14.55
C LYS A 20 -3.20 24.13 13.14
N TRP A 21 -2.53 23.01 12.91
CA TRP A 21 -2.55 22.36 11.62
C TRP A 21 -3.96 21.87 11.26
N MET A 22 -4.65 21.27 12.22
CA MET A 22 -6.00 20.77 11.97
C MET A 22 -6.91 21.92 11.56
N ARG A 23 -6.66 23.10 12.13
CA ARG A 23 -7.45 24.27 11.79
C ARG A 23 -7.17 24.62 10.33
N THR A 24 -5.91 24.53 9.93
CA THR A 24 -5.51 24.82 8.56
C THR A 24 -6.23 23.87 7.59
N VAL A 25 -6.22 22.59 7.93
CA VAL A 25 -6.89 21.58 7.12
C VAL A 25 -8.38 21.87 7.02
N GLU A 26 -9.01 22.19 8.15
CA GLU A 26 -10.43 22.50 8.16
C GLU A 26 -10.70 23.67 7.22
N MET A 27 -9.85 24.70 7.27
CA MET A 27 -10.00 25.86 6.42
C MET A 27 -9.98 25.42 4.95
N LEU A 28 -8.96 24.64 4.59
CA LEU A 28 -8.83 24.18 3.21
C LEU A 28 -10.06 23.39 2.76
N LYS A 29 -10.64 22.61 3.66
CA LYS A 29 -11.84 21.86 3.31
C LYS A 29 -13.01 22.82 3.20
N ALA A 30 -13.04 23.82 4.07
CA ALA A 30 -14.10 24.81 4.05
C ALA A 30 -14.07 25.64 2.77
N GLU A 31 -12.86 25.92 2.30
CA GLU A 31 -12.69 26.71 1.07
C GLU A 31 -12.85 25.84 -0.17
N GLY A 32 -13.01 24.54 0.04
CA GLY A 32 -13.17 23.63 -1.09
C GLY A 32 -11.85 23.32 -1.79
N ILE A 33 -10.73 23.58 -1.10
CA ILE A 33 -9.40 23.32 -1.65
C ILE A 33 -9.08 21.84 -1.50
N ILE A 34 -9.27 21.32 -0.29
CA ILE A 34 -9.06 19.90 -0.04
C ILE A 34 -10.45 19.33 -0.23
N ARG A 35 -10.61 18.43 -1.19
CA ARG A 35 -11.92 17.87 -1.47
C ARG A 35 -12.00 16.35 -1.44
N SER A 36 -10.87 15.67 -1.34
CA SER A 36 -10.89 14.22 -1.31
C SER A 36 -10.38 13.66 0.01
N LYS A 37 -10.83 12.45 0.32
CA LYS A 37 -10.43 11.77 1.54
C LYS A 37 -8.93 11.47 1.57
N GLU A 38 -8.38 11.06 0.42
CA GLU A 38 -6.96 10.72 0.32
C GLU A 38 -6.05 11.90 0.69
N VAL A 39 -6.36 13.06 0.15
CA VAL A 39 -5.56 14.25 0.41
C VAL A 39 -5.71 14.74 1.84
N GLU A 40 -6.91 14.64 2.40
CA GLU A 40 -7.12 15.06 3.77
C GLU A 40 -6.28 14.15 4.68
N ARG A 41 -6.36 12.85 4.44
CA ARG A 41 -5.62 11.87 5.23
C ARG A 41 -4.11 12.11 5.16
N ALA A 42 -3.61 12.42 3.98
CA ALA A 42 -2.17 12.67 3.82
C ALA A 42 -1.77 13.90 4.63
N PHE A 43 -2.54 14.98 4.51
CA PHE A 43 -2.25 16.22 5.23
C PHE A 43 -2.24 16.02 6.74
N LEU A 44 -3.20 15.25 7.24
CA LEU A 44 -3.29 15.00 8.68
C LEU A 44 -2.18 14.08 9.17
N LYS A 45 -1.67 13.23 8.28
CA LYS A 45 -0.61 12.31 8.67
C LYS A 45 0.75 13.02 8.67
N TYR A 46 0.96 13.90 7.69
CA TYR A 46 2.22 14.63 7.59
C TYR A 46 2.06 16.15 7.61
N PRO A 47 1.94 16.73 8.82
CA PRO A 47 1.80 18.18 8.93
C PRO A 47 3.06 18.86 8.41
N ARG A 48 2.93 20.07 7.89
CA ARG A 48 4.07 20.79 7.34
C ARG A 48 5.18 21.14 8.34
N TYR A 49 4.84 21.27 9.62
CA TYR A 49 5.85 21.63 10.61
C TYR A 49 6.97 20.60 10.71
N LEU A 50 6.68 19.36 10.29
CA LEU A 50 7.68 18.29 10.33
C LEU A 50 8.76 18.49 9.27
N SER A 51 8.48 19.33 8.28
CA SER A 51 9.41 19.56 7.19
C SER A 51 10.11 20.92 7.16
N VAL A 52 9.90 21.73 8.18
CA VAL A 52 10.54 23.04 8.23
C VAL A 52 11.51 23.13 9.41
N GLU A 53 12.46 24.06 9.32
CA GLU A 53 13.43 24.22 10.39
C GLU A 53 12.67 24.68 11.63
N ASP A 54 13.21 24.38 12.81
CA ASP A 54 12.54 24.73 14.05
C ASP A 54 12.05 26.17 14.14
N LYS A 55 12.88 27.11 13.72
CA LYS A 55 12.51 28.53 13.78
C LYS A 55 11.30 28.92 12.93
N TYR A 56 10.83 28.00 12.09
CA TYR A 56 9.69 28.29 11.23
C TYR A 56 8.48 27.41 11.54
N LYS A 57 8.63 26.49 12.48
CA LYS A 57 7.54 25.60 12.83
C LYS A 57 6.31 26.33 13.35
N LYS A 58 6.51 27.50 13.96
CA LYS A 58 5.39 28.26 14.51
C LYS A 58 4.56 28.93 13.41
N TYR A 59 5.05 28.90 12.18
CA TYR A 59 4.34 29.51 11.06
C TYR A 59 3.84 28.45 10.08
N ALA A 60 4.19 27.20 10.33
CA ALA A 60 3.81 26.09 9.47
C ALA A 60 2.33 25.98 9.14
N HIS A 61 1.47 26.46 10.04
CA HIS A 61 0.02 26.39 9.85
C HIS A 61 -0.52 27.52 8.97
N ILE A 62 0.26 28.60 8.85
CA ILE A 62 -0.16 29.74 8.04
C ILE A 62 -0.21 29.32 6.58
N ASP A 63 -1.29 29.70 5.88
CA ASP A 63 -1.45 29.31 4.48
C ASP A 63 -0.67 30.12 3.46
N GLU A 64 0.64 30.05 3.56
CA GLU A 64 1.53 30.69 2.61
C GLU A 64 2.87 29.94 2.64
N PRO A 65 3.70 30.11 1.62
CA PRO A 65 4.97 29.39 1.62
C PRO A 65 5.95 29.91 2.67
N LEU A 66 6.85 29.03 3.10
CA LEU A 66 7.86 29.36 4.11
C LEU A 66 9.25 29.08 3.56
N PRO A 67 10.27 29.76 4.11
CA PRO A 67 11.65 29.54 3.64
C PRO A 67 12.20 28.17 4.08
N ILE A 68 13.14 27.67 3.29
CA ILE A 68 13.83 26.44 3.61
C ILE A 68 15.27 26.77 3.23
N PRO A 69 16.24 25.93 3.63
CA PRO A 69 17.63 26.23 3.28
C PRO A 69 17.87 26.50 1.79
N ALA A 70 19.03 27.12 1.51
CA ALA A 70 19.46 27.44 0.16
C ALA A 70 18.61 28.40 -0.66
N GLY A 71 17.88 29.28 0.01
CA GLY A 71 17.07 30.27 -0.70
C GLY A 71 15.80 29.76 -1.35
N GLN A 72 15.37 28.56 -1.00
CA GLN A 72 14.16 28.00 -1.59
C GLN A 72 13.02 28.11 -0.58
N THR A 73 11.86 27.57 -0.93
CA THR A 73 10.71 27.61 -0.04
C THR A 73 9.89 26.33 -0.13
N VAL A 74 9.05 26.12 0.88
CA VAL A 74 8.14 24.99 0.89
C VAL A 74 6.84 25.71 0.50
N SER A 75 6.09 25.12 -0.44
CA SER A 75 4.86 25.71 -0.92
C SER A 75 3.78 25.89 0.14
N ALA A 76 2.84 26.79 -0.14
CA ALA A 76 1.74 27.05 0.78
C ALA A 76 0.83 25.83 0.78
N PRO A 77 0.24 25.49 1.94
CA PRO A 77 -0.66 24.35 2.06
C PRO A 77 -1.73 24.29 0.98
N HIS A 78 -2.37 25.42 0.67
CA HIS A 78 -3.41 25.39 -0.36
C HIS A 78 -2.87 24.99 -1.73
N MET A 79 -1.65 25.41 -2.06
CA MET A 79 -1.07 25.08 -3.36
C MET A 79 -0.74 23.60 -3.46
N VAL A 80 -0.18 23.03 -2.39
CA VAL A 80 0.14 21.61 -2.38
C VAL A 80 -1.15 20.81 -2.51
N ALA A 81 -2.19 21.23 -1.80
CA ALA A 81 -3.48 20.55 -1.83
C ALA A 81 -4.07 20.62 -3.24
N ILE A 82 -4.03 21.80 -3.84
CA ILE A 82 -4.54 22.01 -5.19
C ILE A 82 -3.89 21.04 -6.18
N MET A 83 -2.56 20.97 -6.14
CA MET A 83 -1.81 20.12 -7.04
C MET A 83 -2.03 18.62 -6.80
N LEU A 84 -2.18 18.23 -5.54
CA LEU A 84 -2.43 16.83 -5.22
C LEU A 84 -3.81 16.41 -5.69
N GLU A 85 -4.79 17.30 -5.50
CA GLU A 85 -6.16 17.01 -5.92
C GLU A 85 -6.20 16.86 -7.45
N ILE A 86 -5.44 17.69 -8.16
CA ILE A 86 -5.41 17.58 -9.61
C ILE A 86 -4.74 16.26 -10.02
N ALA A 87 -3.71 15.86 -9.27
CA ALA A 87 -2.99 14.62 -9.56
C ALA A 87 -3.89 13.38 -9.48
N ASN A 88 -4.90 13.44 -8.60
CA ASN A 88 -5.85 12.33 -8.43
C ASN A 88 -5.09 11.01 -8.28
N LEU A 89 -4.17 10.99 -7.31
CA LEU A 89 -3.34 9.83 -7.04
C LEU A 89 -4.08 8.57 -6.58
N LYS A 90 -3.64 7.42 -7.08
CA LYS A 90 -4.21 6.12 -6.75
C LYS A 90 -3.12 5.19 -6.24
N PRO A 91 -3.48 4.25 -5.36
CA PRO A 91 -2.49 3.30 -4.82
C PRO A 91 -1.71 2.62 -5.95
N GLY A 92 -0.40 2.48 -5.79
CA GLY A 92 0.39 1.82 -6.81
C GLY A 92 0.97 2.68 -7.92
N MET A 93 0.46 3.89 -8.08
CA MET A 93 0.99 4.75 -9.15
C MET A 93 2.48 5.02 -8.99
N ASN A 94 3.16 5.19 -10.11
CA ASN A 94 4.59 5.47 -10.14
C ASN A 94 4.70 6.99 -10.32
N ILE A 95 5.12 7.68 -9.27
CA ILE A 95 5.21 9.13 -9.29
C ILE A 95 6.60 9.73 -9.26
N LEU A 96 6.79 10.80 -10.01
CA LEU A 96 8.05 11.53 -10.01
C LEU A 96 7.76 12.97 -9.61
N GLU A 97 8.42 13.46 -8.57
CA GLU A 97 8.25 14.85 -8.19
C GLU A 97 9.54 15.55 -8.60
N VAL A 98 9.41 16.73 -9.20
CA VAL A 98 10.58 17.50 -9.60
C VAL A 98 10.62 18.70 -8.65
N GLY A 99 11.68 18.76 -7.84
CA GLY A 99 11.83 19.83 -6.87
C GLY A 99 11.46 19.33 -5.48
N THR A 100 12.31 18.48 -4.91
CA THR A 100 12.05 17.91 -3.59
C THR A 100 11.89 18.96 -2.49
N GLY A 101 12.81 19.92 -2.43
CA GLY A 101 12.72 20.94 -1.41
C GLY A 101 12.82 20.38 -0.01
N SER A 102 11.75 20.51 0.77
CA SER A 102 11.72 20.03 2.14
C SER A 102 11.38 18.55 2.29
N GLY A 103 10.78 17.98 1.24
CA GLY A 103 10.40 16.58 1.29
C GLY A 103 8.95 16.40 1.74
N TRP A 104 8.29 17.50 2.07
CA TRP A 104 6.90 17.47 2.53
C TRP A 104 5.95 16.86 1.49
N ASN A 105 5.94 17.44 0.29
CA ASN A 105 5.07 16.97 -0.77
C ASN A 105 5.32 15.49 -1.11
N ALA A 106 6.59 15.08 -1.10
CA ALA A 106 6.94 13.71 -1.41
C ALA A 106 6.38 12.77 -0.35
N ALA A 107 6.41 13.20 0.91
CA ALA A 107 5.85 12.40 1.99
C ALA A 107 4.34 12.24 1.80
N LEU A 108 3.67 13.35 1.45
CA LEU A 108 2.23 13.33 1.24
C LEU A 108 1.90 12.37 0.11
N ILE A 109 2.66 12.46 -0.98
CA ILE A 109 2.45 11.59 -2.13
C ILE A 109 2.57 10.11 -1.71
N SER A 110 3.63 9.77 -1.01
CA SER A 110 3.84 8.38 -0.58
C SER A 110 2.68 7.84 0.23
N GLU A 111 2.09 8.68 1.08
CA GLU A 111 0.96 8.27 1.92
C GLU A 111 -0.25 7.89 1.07
N ILE A 112 -0.35 8.46 -0.13
CA ILE A 112 -1.48 8.16 -1.00
C ILE A 112 -1.21 7.02 -1.99
N VAL A 113 -0.02 6.98 -2.58
CA VAL A 113 0.26 5.92 -3.55
C VAL A 113 0.71 4.61 -2.91
N LYS A 114 1.21 4.68 -1.67
CA LYS A 114 1.61 3.48 -0.95
C LYS A 114 2.68 2.62 -1.64
N THR A 115 3.64 3.27 -2.28
CA THR A 115 4.71 2.55 -2.95
C THR A 115 5.89 3.50 -3.13
N ASP A 116 6.92 3.04 -3.81
CA ASP A 116 8.10 3.86 -4.03
C ASP A 116 7.74 5.16 -4.74
N VAL A 117 8.31 6.25 -4.23
CA VAL A 117 8.09 7.58 -4.80
C VAL A 117 9.46 8.13 -5.11
N TYR A 118 9.60 8.74 -6.29
CA TYR A 118 10.88 9.30 -6.69
C TYR A 118 10.75 10.82 -6.76
N THR A 119 11.70 11.52 -6.13
CA THR A 119 11.68 12.97 -6.13
C THR A 119 13.12 13.46 -6.35
N ILE A 120 13.27 14.42 -7.23
CA ILE A 120 14.59 14.94 -7.56
C ILE A 120 14.79 16.40 -7.18
N GLU A 121 15.99 16.69 -6.66
CA GLU A 121 16.38 18.02 -6.19
C GLU A 121 17.77 18.34 -6.72
N ARG A 122 17.96 19.57 -7.21
CA ARG A 122 19.25 19.99 -7.77
C ARG A 122 20.25 20.53 -6.75
N ILE A 123 19.78 20.92 -5.57
CA ILE A 123 20.66 21.47 -4.55
C ILE A 123 21.04 20.44 -3.49
N PRO A 124 22.33 20.08 -3.41
CA PRO A 124 22.85 19.09 -2.46
C PRO A 124 22.38 19.31 -1.02
N GLU A 125 22.47 20.55 -0.56
CA GLU A 125 22.05 20.86 0.80
C GLU A 125 20.59 20.47 1.02
N LEU A 126 19.75 20.71 0.03
CA LEU A 126 18.34 20.38 0.14
C LEU A 126 18.08 18.88 0.02
N VAL A 127 18.92 18.18 -0.72
CA VAL A 127 18.75 16.73 -0.84
C VAL A 127 18.92 16.13 0.55
N GLU A 128 19.94 16.58 1.27
CA GLU A 128 20.19 16.07 2.61
C GLU A 128 19.11 16.54 3.57
N PHE A 129 18.69 17.79 3.40
CA PHE A 129 17.65 18.37 4.24
C PHE A 129 16.38 17.52 4.15
N ALA A 130 15.97 17.22 2.92
CA ALA A 130 14.78 16.41 2.67
C ALA A 130 14.91 15.01 3.25
N LYS A 131 16.04 14.35 2.96
CA LYS A 131 16.25 13.01 3.46
C LYS A 131 16.14 12.97 4.99
N ARG A 132 16.71 13.97 5.66
CA ARG A 132 16.65 14.05 7.11
C ARG A 132 15.20 14.17 7.59
N ASN A 133 14.45 15.07 6.96
CA ASN A 133 13.05 15.27 7.34
C ASN A 133 12.25 13.99 7.16
N LEU A 134 12.47 13.30 6.04
CA LEU A 134 11.77 12.06 5.73
C LEU A 134 12.11 10.94 6.73
N GLU A 135 13.40 10.76 7.00
CA GLU A 135 13.82 9.72 7.94
C GLU A 135 13.25 10.01 9.32
N ARG A 136 13.38 11.25 9.77
CA ARG A 136 12.89 11.66 11.08
C ARG A 136 11.38 11.40 11.21
N ALA A 137 10.65 11.60 10.13
CA ALA A 137 9.20 11.40 10.14
C ALA A 137 8.83 9.95 9.90
N GLY A 138 9.84 9.10 9.69
CA GLY A 138 9.58 7.69 9.47
C GLY A 138 9.14 7.28 8.06
N VAL A 139 9.27 8.17 7.09
CA VAL A 139 8.87 7.85 5.71
C VAL A 139 9.90 6.88 5.12
N LYS A 140 9.44 5.81 4.48
CA LYS A 140 10.36 4.82 3.92
C LYS A 140 10.41 4.69 2.40
N ASN A 141 9.27 4.88 1.75
CA ASN A 141 9.18 4.73 0.30
C ASN A 141 9.64 5.89 -0.57
N VAL A 142 10.20 6.94 0.01
CA VAL A 142 10.64 8.08 -0.78
C VAL A 142 12.13 8.11 -1.09
N HIS A 143 12.46 8.22 -2.38
CA HIS A 143 13.86 8.28 -2.80
C HIS A 143 14.19 9.66 -3.32
N VAL A 144 15.08 10.35 -2.61
CA VAL A 144 15.50 11.69 -2.98
C VAL A 144 16.72 11.60 -3.90
N ILE A 145 16.58 12.18 -5.08
CA ILE A 145 17.62 12.14 -6.09
C ILE A 145 18.29 13.50 -6.32
N LEU A 146 19.61 13.47 -6.51
CA LEU A 146 20.35 14.70 -6.76
C LEU A 146 20.51 14.85 -8.27
N GLY A 147 19.95 15.91 -8.83
CA GLY A 147 20.08 16.12 -10.27
C GLY A 147 19.16 17.20 -10.82
N ASP A 148 19.23 17.36 -12.14
CA ASP A 148 18.42 18.34 -12.84
C ASP A 148 17.10 17.68 -13.25
N GLY A 149 16.05 17.95 -12.47
CA GLY A 149 14.74 17.40 -12.73
C GLY A 149 14.05 17.87 -14.01
N SER A 150 14.56 18.92 -14.64
CA SER A 150 13.96 19.40 -15.88
C SER A 150 14.19 18.33 -16.96
N LYS A 151 15.07 17.39 -16.66
CA LYS A 151 15.38 16.29 -17.58
C LYS A 151 14.63 15.05 -17.11
N GLY A 152 13.81 15.21 -16.07
CA GLY A 152 13.04 14.10 -15.54
C GLY A 152 13.94 13.15 -14.77
N PHE A 153 13.66 11.86 -14.88
CA PHE A 153 14.45 10.82 -14.20
C PHE A 153 14.21 9.50 -14.95
N PRO A 154 14.94 9.30 -16.06
CA PRO A 154 14.86 8.12 -16.92
C PRO A 154 14.85 6.76 -16.23
N PRO A 155 15.70 6.55 -15.21
CA PRO A 155 15.74 5.27 -14.50
C PRO A 155 14.41 4.65 -14.10
N LYS A 156 13.44 5.47 -13.70
CA LYS A 156 12.16 4.90 -13.29
C LYS A 156 10.96 5.31 -14.16
N ALA A 157 11.23 5.89 -15.33
CA ALA A 157 10.17 6.28 -16.24
C ALA A 157 9.65 5.00 -16.90
N PRO A 158 8.41 5.01 -17.42
CA PRO A 158 7.48 6.15 -17.43
C PRO A 158 6.69 6.32 -16.12
N TYR A 159 6.10 7.51 -15.95
CA TYR A 159 5.34 7.81 -14.74
C TYR A 159 3.85 8.06 -14.95
N ASP A 160 3.06 7.76 -13.94
CA ASP A 160 1.62 8.00 -14.00
C ASP A 160 1.39 9.50 -13.85
N VAL A 161 2.18 10.12 -12.99
CA VAL A 161 2.08 11.56 -12.74
C VAL A 161 3.46 12.15 -12.43
N ILE A 162 3.73 13.32 -12.97
CA ILE A 162 4.96 14.02 -12.70
C ILE A 162 4.49 15.37 -12.14
N ILE A 163 4.89 15.67 -10.91
CA ILE A 163 4.49 16.93 -10.28
C ILE A 163 5.72 17.82 -10.14
N VAL A 164 5.70 18.96 -10.83
CA VAL A 164 6.81 19.90 -10.78
C VAL A 164 6.45 21.03 -9.83
N THR A 165 7.34 21.29 -8.87
CA THR A 165 7.09 22.30 -7.87
C THR A 165 7.92 23.57 -7.99
N ALA A 166 8.29 23.90 -9.22
CA ALA A 166 9.07 25.11 -9.51
C ALA A 166 8.61 25.53 -10.91
N GLY A 167 8.65 26.84 -11.19
CA GLY A 167 8.19 27.35 -12.48
C GLY A 167 9.13 27.32 -13.67
N ALA A 168 8.61 26.85 -14.79
CA ALA A 168 9.38 26.74 -16.02
C ALA A 168 8.93 27.75 -17.07
N PRO A 169 9.83 28.11 -18.00
CA PRO A 169 9.53 29.07 -19.08
C PRO A 169 8.75 28.37 -20.19
N LYS A 170 8.75 27.04 -20.15
CA LYS A 170 8.05 26.22 -21.13
C LYS A 170 7.88 24.81 -20.59
N ILE A 171 7.06 24.01 -21.26
CA ILE A 171 6.86 22.63 -20.82
C ILE A 171 8.11 21.84 -21.23
N PRO A 172 8.81 21.22 -20.26
CA PRO A 172 10.01 20.45 -20.58
C PRO A 172 9.66 19.19 -21.37
N GLU A 173 10.18 19.11 -22.59
CA GLU A 173 9.90 17.96 -23.45
C GLU A 173 10.22 16.62 -22.78
N PRO A 174 11.35 16.52 -22.05
CA PRO A 174 11.68 15.26 -21.40
C PRO A 174 10.59 14.80 -20.43
N LEU A 175 9.88 15.74 -19.83
CA LEU A 175 8.83 15.38 -18.89
C LEU A 175 7.62 14.78 -19.61
N ILE A 176 7.31 15.27 -20.81
CA ILE A 176 6.21 14.72 -21.58
C ILE A 176 6.57 13.31 -22.05
N GLU A 177 7.81 13.16 -22.51
CA GLU A 177 8.29 11.88 -23.00
C GLU A 177 8.26 10.79 -21.92
N GLN A 178 8.49 11.18 -20.67
CA GLN A 178 8.52 10.23 -19.57
C GLN A 178 7.17 9.91 -18.92
N LEU A 179 6.10 10.43 -19.51
CA LEU A 179 4.77 10.18 -19.00
C LEU A 179 4.21 8.91 -19.65
N LYS A 180 3.46 8.12 -18.88
CA LYS A 180 2.82 6.94 -19.43
C LYS A 180 1.69 7.52 -20.27
N ILE A 181 1.22 6.80 -21.28
CA ILE A 181 0.11 7.30 -22.06
C ILE A 181 -1.04 7.34 -21.07
N GLY A 182 -1.74 8.47 -21.01
CA GLY A 182 -2.83 8.60 -20.07
C GLY A 182 -2.35 9.25 -18.77
N GLY A 183 -1.03 9.42 -18.66
CA GLY A 183 -0.47 10.02 -17.46
C GLY A 183 -0.57 11.54 -17.53
N LYS A 184 -0.18 12.22 -16.45
CA LYS A 184 -0.26 13.66 -16.45
C LYS A 184 0.92 14.37 -15.81
N LEU A 185 1.26 15.51 -16.38
CA LEU A 185 2.33 16.35 -15.89
C LEU A 185 1.64 17.60 -15.32
N ILE A 186 1.94 17.91 -14.08
CA ILE A 186 1.38 19.09 -13.41
C ILE A 186 2.56 20.01 -13.19
N ILE A 187 2.53 21.16 -13.83
CA ILE A 187 3.66 22.07 -13.77
C ILE A 187 3.35 23.55 -13.99
N PRO A 188 4.00 24.44 -13.23
CA PRO A 188 3.78 25.88 -13.36
C PRO A 188 4.65 26.32 -14.55
N VAL A 189 4.02 26.89 -15.57
CA VAL A 189 4.74 27.37 -16.76
C VAL A 189 4.35 28.81 -17.02
N GLY A 190 5.35 29.65 -17.32
CA GLY A 190 5.08 31.05 -17.59
C GLY A 190 6.31 31.82 -18.08
N SER A 191 6.07 33.00 -18.65
CA SER A 191 7.14 33.83 -19.19
C SER A 191 7.97 34.56 -18.13
N TYR A 192 7.58 34.45 -16.87
CA TYR A 192 8.33 35.12 -15.82
C TYR A 192 8.93 34.12 -14.85
N HIS A 193 10.04 34.49 -14.23
CA HIS A 193 10.70 33.63 -13.27
C HIS A 193 9.81 33.26 -12.09
N LEU A 194 9.00 34.21 -11.63
CA LEU A 194 8.15 33.97 -10.45
C LEU A 194 6.64 33.99 -10.67
N TRP A 195 6.19 34.11 -11.90
CA TRP A 195 4.76 34.14 -12.17
C TRP A 195 4.44 33.18 -13.31
N GLN A 196 3.61 32.19 -13.00
CA GLN A 196 3.26 31.18 -13.99
C GLN A 196 1.79 30.83 -14.03
N GLU A 197 1.46 29.92 -14.95
CA GLU A 197 0.12 29.39 -15.12
C GLU A 197 0.25 27.93 -14.70
N LEU A 198 -0.66 27.43 -13.87
CA LEU A 198 -0.58 26.04 -13.43
C LEU A 198 -1.16 25.13 -14.52
N LEU A 199 -0.28 24.44 -15.24
CA LEU A 199 -0.75 23.59 -16.32
C LEU A 199 -0.82 22.11 -15.95
N GLU A 200 -1.83 21.46 -16.50
CA GLU A 200 -2.06 20.03 -16.30
C GLU A 200 -1.96 19.48 -17.71
N VAL A 201 -0.90 18.72 -17.96
CA VAL A 201 -0.65 18.16 -19.29
C VAL A 201 -0.87 16.66 -19.32
N ARG A 202 -1.90 16.23 -20.04
CA ARG A 202 -2.21 14.81 -20.15
C ARG A 202 -1.64 14.24 -21.44
N LYS A 203 -0.92 13.13 -21.34
CA LYS A 203 -0.33 12.50 -22.51
C LYS A 203 -1.35 11.58 -23.19
N THR A 204 -1.51 11.77 -24.50
CA THR A 204 -2.45 10.95 -25.27
C THR A 204 -1.66 10.08 -26.25
N LYS A 205 -2.37 9.21 -26.94
CA LYS A 205 -1.74 8.32 -27.93
C LYS A 205 -1.20 9.10 -29.13
N ASP A 206 -1.74 10.30 -29.35
CA ASP A 206 -1.33 11.12 -30.50
C ASP A 206 -0.61 12.41 -30.13
N GLY A 207 -0.56 12.73 -28.83
CA GLY A 207 0.11 13.94 -28.41
C GLY A 207 -0.17 14.32 -26.97
N ILE A 208 -0.73 15.50 -26.74
CA ILE A 208 -1.04 15.93 -25.39
C ILE A 208 -2.28 16.82 -25.31
N LYS A 209 -2.78 16.96 -24.10
CA LYS A 209 -3.94 17.81 -23.83
C LYS A 209 -3.51 18.71 -22.67
N ILE A 210 -3.63 20.02 -22.87
CA ILE A 210 -3.23 20.98 -21.85
C ILE A 210 -4.42 21.71 -21.25
N LYS A 211 -4.53 21.66 -19.93
CA LYS A 211 -5.60 22.34 -19.20
C LYS A 211 -4.93 23.39 -18.31
N ASN A 212 -5.32 24.64 -18.51
CA ASN A 212 -4.77 25.78 -17.76
C ASN A 212 -5.61 26.00 -16.50
N HIS A 213 -5.01 25.81 -15.33
CA HIS A 213 -5.72 25.98 -14.06
C HIS A 213 -5.66 27.39 -13.47
N GLY A 214 -4.90 28.28 -14.09
CA GLY A 214 -4.84 29.64 -13.58
C GLY A 214 -3.50 30.11 -13.07
N GLY A 215 -3.45 31.37 -12.64
CA GLY A 215 -2.22 31.96 -12.16
C GLY A 215 -1.70 31.46 -10.83
N VAL A 216 -0.38 31.30 -10.75
CA VAL A 216 0.27 30.86 -9.52
C VAL A 216 1.63 31.53 -9.48
N ALA A 217 2.29 31.46 -8.34
CA ALA A 217 3.61 32.06 -8.16
C ALA A 217 4.56 31.05 -7.52
N PHE A 218 5.57 30.64 -8.29
CA PHE A 218 6.56 29.67 -7.82
C PHE A 218 7.98 30.14 -8.06
N VAL A 219 8.90 29.61 -7.26
CA VAL A 219 10.31 29.91 -7.41
C VAL A 219 10.65 29.26 -8.75
N PRO A 220 11.61 29.83 -9.50
CA PRO A 220 11.98 29.25 -10.80
C PRO A 220 12.61 27.87 -10.82
N LEU A 221 12.26 27.11 -11.85
CA LEU A 221 12.83 25.78 -12.09
C LEU A 221 14.11 26.11 -12.85
N ILE A 222 15.25 25.75 -12.27
CA ILE A 222 16.55 26.02 -12.87
C ILE A 222 17.16 24.74 -13.43
N GLY A 223 17.44 24.74 -14.73
CA GLY A 223 18.02 23.56 -15.34
C GLY A 223 18.08 23.63 -16.86
N GLU A 224 18.49 22.54 -17.48
CA GLU A 224 18.62 22.45 -18.93
C GLU A 224 17.32 22.76 -19.67
N TYR A 225 16.20 22.28 -19.14
CA TYR A 225 14.91 22.52 -19.75
C TYR A 225 14.04 23.44 -18.89
N GLY A 226 14.71 24.25 -18.07
CA GLY A 226 14.01 25.19 -17.22
C GLY A 226 14.68 26.52 -17.44
N TRP A 227 14.74 27.37 -16.41
CA TRP A 227 15.42 28.64 -16.57
C TRP A 227 16.91 28.39 -16.47
N LYS A 228 17.68 28.97 -17.38
CA LYS A 228 19.11 28.80 -17.38
C LYS A 228 19.79 30.06 -16.86
N GLU B 14 -16.71 2.21 -2.62
CA GLU B 14 -15.43 1.51 -2.92
C GLU B 14 -14.26 2.28 -2.32
N LYS B 15 -14.16 3.56 -2.64
CA LYS B 15 -13.09 4.38 -2.10
C LYS B 15 -13.20 4.38 -0.58
N GLU B 16 -14.44 4.43 -0.09
CA GLU B 16 -14.69 4.43 1.35
C GLU B 16 -14.31 3.08 1.97
N LEU B 17 -14.58 2.00 1.24
CA LEU B 17 -14.23 0.67 1.73
C LEU B 17 -12.71 0.59 1.88
N TYR B 18 -11.99 1.16 0.92
CA TYR B 18 -10.53 1.14 0.97
C TYR B 18 -10.01 2.01 2.11
N GLU B 19 -10.60 3.18 2.31
CA GLU B 19 -10.16 4.05 3.39
C GLU B 19 -10.32 3.32 4.72
N LYS B 20 -11.43 2.60 4.89
CA LYS B 20 -11.64 1.86 6.12
C LYS B 20 -10.58 0.76 6.22
N TRP B 21 -10.33 0.07 5.11
CA TRP B 21 -9.32 -0.99 5.09
C TRP B 21 -7.94 -0.51 5.51
N MET B 22 -7.50 0.63 4.97
CA MET B 22 -6.20 1.14 5.32
C MET B 22 -6.07 1.45 6.80
N ARG B 23 -7.17 1.87 7.44
CA ARG B 23 -7.13 2.14 8.87
C ARG B 23 -6.92 0.82 9.61
N THR B 24 -7.53 -0.24 9.08
CA THR B 24 -7.38 -1.57 9.68
C THR B 24 -5.93 -2.02 9.60
N VAL B 25 -5.32 -1.82 8.42
CA VAL B 25 -3.93 -2.20 8.22
C VAL B 25 -3.01 -1.44 9.17
N GLU B 26 -3.27 -0.16 9.36
CA GLU B 26 -2.47 0.67 10.27
C GLU B 26 -2.61 0.19 11.71
N MET B 27 -3.83 -0.18 12.08
CA MET B 27 -4.09 -0.69 13.42
C MET B 27 -3.29 -1.97 13.63
N LEU B 28 -3.28 -2.85 12.62
CA LEU B 28 -2.55 -4.11 12.70
C LEU B 28 -1.05 -3.87 12.83
N LYS B 29 -0.55 -2.87 12.11
CA LYS B 29 0.87 -2.54 12.18
C LYS B 29 1.18 -1.94 13.56
N ALA B 30 0.27 -1.09 14.05
CA ALA B 30 0.45 -0.47 15.35
C ALA B 30 0.50 -1.52 16.47
N GLU B 31 -0.31 -2.56 16.33
CA GLU B 31 -0.37 -3.62 17.34
C GLU B 31 0.77 -4.62 17.15
N GLY B 32 1.57 -4.44 16.11
CA GLY B 32 2.67 -5.36 15.87
C GLY B 32 2.26 -6.68 15.25
N ILE B 33 1.05 -6.74 14.69
CA ILE B 33 0.57 -7.96 14.06
C ILE B 33 1.16 -8.04 12.65
N ILE B 34 1.09 -6.94 11.92
CA ILE B 34 1.68 -6.88 10.59
C ILE B 34 3.04 -6.26 10.85
N ARG B 35 4.10 -7.00 10.54
CA ARG B 35 5.45 -6.52 10.80
C ARG B 35 6.36 -6.51 9.59
N SER B 36 6.03 -7.27 8.55
CA SER B 36 6.90 -7.32 7.38
C SER B 36 6.33 -6.55 6.20
N LYS B 37 7.22 -6.02 5.37
CA LYS B 37 6.80 -5.27 4.18
C LYS B 37 5.98 -6.13 3.23
N GLU B 38 6.33 -7.41 3.14
CA GLU B 38 5.62 -8.34 2.25
C GLU B 38 4.13 -8.45 2.63
N VAL B 39 3.88 -8.66 3.91
CA VAL B 39 2.51 -8.80 4.40
C VAL B 39 1.73 -7.50 4.26
N GLU B 40 2.33 -6.37 4.65
CA GLU B 40 1.62 -5.11 4.51
C GLU B 40 1.28 -4.88 3.04
N ARG B 41 2.24 -5.12 2.16
CA ARG B 41 2.02 -4.93 0.72
C ARG B 41 0.84 -5.78 0.23
N ALA B 42 0.83 -7.05 0.63
CA ALA B 42 -0.25 -7.97 0.23
C ALA B 42 -1.61 -7.45 0.71
N PHE B 43 -1.68 -7.07 1.98
CA PHE B 43 -2.92 -6.55 2.55
C PHE B 43 -3.42 -5.31 1.78
N LEU B 44 -2.50 -4.42 1.44
CA LEU B 44 -2.87 -3.21 0.72
C LEU B 44 -3.35 -3.51 -0.70
N LYS B 45 -2.79 -4.54 -1.32
CA LYS B 45 -3.17 -4.89 -2.68
C LYS B 45 -4.49 -5.61 -2.78
N TYR B 46 -4.77 -6.48 -1.80
CA TYR B 46 -6.02 -7.23 -1.80
C TYR B 46 -6.82 -7.07 -0.51
N PRO B 47 -7.60 -5.98 -0.40
CA PRO B 47 -8.39 -5.77 0.81
C PRO B 47 -9.43 -6.88 0.93
N ARG B 48 -9.79 -7.24 2.16
CA ARG B 48 -10.75 -8.31 2.36
C ARG B 48 -12.13 -8.10 1.72
N TYR B 49 -12.58 -6.86 1.60
CA TYR B 49 -13.90 -6.61 1.03
C TYR B 49 -14.09 -7.20 -0.37
N LEU B 50 -12.99 -7.44 -1.08
CA LEU B 50 -13.08 -8.00 -2.42
C LEU B 50 -13.45 -9.48 -2.42
N SER B 51 -13.29 -10.13 -1.28
CA SER B 51 -13.57 -11.56 -1.18
C SER B 51 -14.85 -11.96 -0.42
N VAL B 52 -15.63 -11.00 0.02
CA VAL B 52 -16.87 -11.32 0.74
C VAL B 52 -18.08 -10.86 -0.07
N GLU B 53 -19.23 -11.47 0.22
CA GLU B 53 -20.47 -11.12 -0.46
C GLU B 53 -20.77 -9.65 -0.20
N ASP B 54 -21.54 -9.03 -1.10
CA ASP B 54 -21.86 -7.62 -0.96
C ASP B 54 -22.45 -7.20 0.38
N LYS B 55 -23.36 -8.01 0.93
CA LYS B 55 -23.97 -7.64 2.20
C LYS B 55 -23.01 -7.61 3.38
N TYR B 56 -21.79 -8.11 3.19
CA TYR B 56 -20.81 -8.10 4.29
C TYR B 56 -19.65 -7.14 4.06
N LYS B 57 -19.53 -6.59 2.85
CA LYS B 57 -18.43 -5.68 2.55
C LYS B 57 -18.28 -4.55 3.55
N LYS B 58 -19.39 -4.04 4.08
CA LYS B 58 -19.33 -2.95 5.04
C LYS B 58 -18.70 -3.35 6.38
N TYR B 59 -18.50 -4.64 6.58
CA TYR B 59 -17.89 -5.13 7.82
C TYR B 59 -16.47 -5.65 7.59
N ALA B 60 -16.09 -5.73 6.32
CA ALA B 60 -14.78 -6.26 5.93
C ALA B 60 -13.58 -5.69 6.69
N HIS B 61 -13.68 -4.45 7.14
CA HIS B 61 -12.59 -3.79 7.86
C HIS B 61 -12.52 -4.18 9.34
N ILE B 62 -13.62 -4.65 9.90
CA ILE B 62 -13.65 -5.04 11.31
C ILE B 62 -12.73 -6.22 11.55
N ASP B 63 -11.96 -6.17 12.63
CA ASP B 63 -11.01 -7.25 12.91
C ASP B 63 -11.59 -8.52 13.52
N GLU B 64 -12.47 -9.17 12.78
CA GLU B 64 -13.05 -10.44 13.20
C GLU B 64 -13.51 -11.20 11.96
N PRO B 65 -13.69 -12.52 12.08
CA PRO B 65 -14.12 -13.27 10.89
C PRO B 65 -15.52 -12.91 10.43
N LEU B 66 -15.80 -13.19 9.16
CA LEU B 66 -17.09 -12.92 8.58
C LEU B 66 -17.61 -14.16 7.86
N PRO B 67 -18.93 -14.26 7.71
CA PRO B 67 -19.50 -15.42 7.04
C PRO B 67 -19.26 -15.39 5.53
N ILE B 68 -19.17 -16.58 4.95
CA ILE B 68 -19.04 -16.75 3.51
C ILE B 68 -20.01 -17.90 3.27
N PRO B 69 -20.37 -18.18 2.01
CA PRO B 69 -21.31 -19.26 1.72
C PRO B 69 -21.01 -20.62 2.35
N ALA B 70 -22.05 -21.46 2.38
CA ALA B 70 -21.98 -22.81 2.90
C ALA B 70 -21.56 -22.97 4.35
N GLY B 71 -21.95 -22.03 5.20
CA GLY B 71 -21.64 -22.12 6.61
C GLY B 71 -20.18 -21.98 7.02
N GLN B 72 -19.36 -21.38 6.15
CA GLN B 72 -17.96 -21.19 6.50
C GLN B 72 -17.72 -19.71 6.78
N THR B 73 -16.47 -19.35 7.02
CA THR B 73 -16.11 -17.97 7.32
C THR B 73 -14.76 -17.59 6.74
N VAL B 74 -14.56 -16.29 6.56
CA VAL B 74 -13.28 -15.79 6.09
C VAL B 74 -12.67 -15.36 7.42
N SER B 75 -11.41 -15.72 7.67
CA SER B 75 -10.75 -15.39 8.93
C SER B 75 -10.60 -13.90 9.21
N ALA B 76 -10.34 -13.58 10.48
CA ALA B 76 -10.16 -12.20 10.89
C ALA B 76 -8.84 -11.68 10.33
N PRO B 77 -8.78 -10.38 9.99
CA PRO B 77 -7.56 -9.79 9.44
C PRO B 77 -6.32 -10.12 10.27
N HIS B 78 -6.41 -9.95 11.59
CA HIS B 78 -5.26 -10.22 12.44
C HIS B 78 -4.77 -11.67 12.36
N MET B 79 -5.70 -12.61 12.22
CA MET B 79 -5.34 -14.02 12.15
C MET B 79 -4.64 -14.35 10.85
N VAL B 80 -5.15 -13.81 9.74
CA VAL B 80 -4.53 -14.03 8.44
C VAL B 80 -3.12 -13.44 8.45
N ALA B 81 -3.00 -12.25 9.02
CA ALA B 81 -1.72 -11.57 9.12
C ALA B 81 -0.74 -12.37 9.95
N ILE B 82 -1.21 -12.88 11.10
CA ILE B 82 -0.36 -13.66 11.99
C ILE B 82 0.19 -14.89 11.27
N MET B 83 -0.67 -15.59 10.53
CA MET B 83 -0.23 -16.79 9.83
C MET B 83 0.71 -16.50 8.66
N LEU B 84 0.50 -15.40 7.95
CA LEU B 84 1.40 -15.07 6.84
C LEU B 84 2.77 -14.65 7.39
N GLU B 85 2.78 -13.95 8.52
CA GLU B 85 4.05 -13.54 9.11
C GLU B 85 4.84 -14.76 9.59
N ILE B 86 4.14 -15.73 10.16
CA ILE B 86 4.81 -16.95 10.60
C ILE B 86 5.32 -17.70 9.36
N ALA B 87 4.53 -17.68 8.30
CA ALA B 87 4.90 -18.38 7.07
C ALA B 87 6.20 -17.85 6.47
N ASN B 88 6.46 -16.55 6.64
CA ASN B 88 7.66 -15.93 6.12
C ASN B 88 7.90 -16.35 4.67
N LEU B 89 6.87 -16.14 3.85
CA LEU B 89 6.91 -16.50 2.43
C LEU B 89 7.90 -15.68 1.63
N LYS B 90 8.51 -16.34 0.64
CA LYS B 90 9.49 -15.70 -0.23
C LYS B 90 9.18 -16.02 -1.68
N PRO B 91 9.56 -15.12 -2.61
CA PRO B 91 9.29 -15.33 -4.03
C PRO B 91 9.75 -16.71 -4.51
N GLY B 92 8.93 -17.34 -5.34
CA GLY B 92 9.28 -18.64 -5.87
C GLY B 92 8.86 -19.85 -5.06
N MET B 93 8.51 -19.65 -3.78
CA MET B 93 8.09 -20.75 -2.94
C MET B 93 6.87 -21.46 -3.52
N ASN B 94 6.81 -22.78 -3.33
CA ASN B 94 5.68 -23.58 -3.81
C ASN B 94 4.79 -23.76 -2.58
N ILE B 95 3.63 -23.12 -2.61
CA ILE B 95 2.71 -23.14 -1.48
C ILE B 95 1.40 -23.88 -1.69
N LEU B 96 0.92 -24.52 -0.63
CA LEU B 96 -0.36 -25.22 -0.66
C LEU B 96 -1.20 -24.68 0.50
N GLU B 97 -2.38 -24.17 0.18
CA GLU B 97 -3.28 -23.70 1.24
C GLU B 97 -4.38 -24.74 1.35
N VAL B 98 -4.70 -25.15 2.57
CA VAL B 98 -5.79 -26.11 2.76
C VAL B 98 -6.98 -25.33 3.33
N GLY B 99 -8.03 -25.21 2.53
CA GLY B 99 -9.22 -24.49 2.96
C GLY B 99 -9.32 -23.14 2.27
N THR B 100 -9.59 -23.16 0.97
CA THR B 100 -9.69 -21.93 0.18
C THR B 100 -10.70 -20.91 0.70
N GLY B 101 -11.91 -21.38 1.00
CA GLY B 101 -12.93 -20.46 1.49
C GLY B 101 -13.24 -19.37 0.49
N SER B 102 -12.97 -18.12 0.86
CA SER B 102 -13.22 -16.96 0.01
C SER B 102 -12.13 -16.69 -1.03
N GLY B 103 -10.98 -17.32 -0.87
CA GLY B 103 -9.89 -17.09 -1.81
C GLY B 103 -9.02 -15.90 -1.41
N TRP B 104 -9.42 -15.19 -0.35
CA TRP B 104 -8.67 -14.02 0.11
C TRP B 104 -7.22 -14.35 0.45
N ASN B 105 -7.02 -15.32 1.34
CA ASN B 105 -5.68 -15.72 1.75
C ASN B 105 -4.84 -16.16 0.55
N ALA B 106 -5.42 -16.95 -0.35
CA ALA B 106 -4.71 -17.41 -1.54
C ALA B 106 -4.23 -16.23 -2.38
N ALA B 107 -5.04 -15.17 -2.46
CA ALA B 107 -4.68 -13.99 -3.23
C ALA B 107 -3.47 -13.31 -2.58
N LEU B 108 -3.51 -13.16 -1.25
CA LEU B 108 -2.43 -12.54 -0.51
C LEU B 108 -1.14 -13.34 -0.72
N ILE B 109 -1.25 -14.66 -0.63
CA ILE B 109 -0.10 -15.53 -0.81
C ILE B 109 0.56 -15.32 -2.17
N SER B 110 -0.24 -15.29 -3.23
CA SER B 110 0.27 -15.12 -4.58
C SER B 110 1.04 -13.81 -4.76
N GLU B 111 0.61 -12.76 -4.06
CA GLU B 111 1.26 -11.46 -4.14
C GLU B 111 2.67 -11.50 -3.55
N ILE B 112 2.89 -12.44 -2.64
CA ILE B 112 4.20 -12.57 -2.00
C ILE B 112 5.13 -13.59 -2.68
N VAL B 113 4.62 -14.75 -3.05
CA VAL B 113 5.45 -15.76 -3.69
C VAL B 113 5.64 -15.54 -5.20
N LYS B 114 4.83 -14.66 -5.77
CA LYS B 114 4.93 -14.31 -7.18
C LYS B 114 4.95 -15.49 -8.14
N THR B 115 4.24 -16.57 -7.81
CA THR B 115 4.20 -17.72 -8.70
C THR B 115 2.93 -18.54 -8.47
N ASP B 116 2.85 -19.69 -9.11
CA ASP B 116 1.67 -20.55 -8.98
C ASP B 116 1.40 -20.93 -7.53
N VAL B 117 0.16 -20.75 -7.11
CA VAL B 117 -0.27 -21.08 -5.76
C VAL B 117 -1.38 -22.10 -5.84
N TYR B 118 -1.30 -23.13 -5.02
CA TYR B 118 -2.31 -24.18 -4.99
C TYR B 118 -3.12 -24.10 -3.71
N THR B 119 -4.44 -24.09 -3.84
CA THR B 119 -5.30 -24.03 -2.67
C THR B 119 -6.45 -25.01 -2.90
N ILE B 120 -6.77 -25.80 -1.88
CA ILE B 120 -7.81 -26.80 -2.02
C ILE B 120 -9.00 -26.55 -1.09
N GLU B 121 -10.19 -26.86 -1.58
CA GLU B 121 -11.44 -26.64 -0.85
C GLU B 121 -12.35 -27.84 -1.07
N ARG B 122 -12.96 -28.33 0.01
CA ARG B 122 -13.82 -29.51 -0.08
C ARG B 122 -15.26 -29.23 -0.49
N ILE B 123 -15.71 -27.99 -0.39
CA ILE B 123 -17.08 -27.64 -0.74
C ILE B 123 -17.16 -27.01 -2.14
N PRO B 124 -17.84 -27.67 -3.08
CA PRO B 124 -17.98 -27.17 -4.47
C PRO B 124 -18.43 -25.71 -4.57
N GLU B 125 -19.47 -25.35 -3.83
CA GLU B 125 -19.97 -23.98 -3.87
C GLU B 125 -18.88 -22.97 -3.50
N LEU B 126 -17.97 -23.34 -2.61
CA LEU B 126 -16.91 -22.42 -2.23
C LEU B 126 -15.76 -22.42 -3.24
N VAL B 127 -15.60 -23.53 -3.95
CA VAL B 127 -14.58 -23.60 -4.99
C VAL B 127 -14.95 -22.56 -6.05
N GLU B 128 -16.24 -22.51 -6.39
CA GLU B 128 -16.73 -21.56 -7.39
C GLU B 128 -16.69 -20.13 -6.85
N PHE B 129 -17.10 -19.97 -5.59
CA PHE B 129 -17.09 -18.66 -4.95
C PHE B 129 -15.68 -18.06 -4.98
N ALA B 130 -14.71 -18.85 -4.56
CA ALA B 130 -13.32 -18.40 -4.55
C ALA B 130 -12.84 -18.06 -5.96
N LYS B 131 -13.08 -18.95 -6.91
CA LYS B 131 -12.67 -18.71 -8.29
C LYS B 131 -13.24 -17.39 -8.81
N ARG B 132 -14.51 -17.13 -8.53
CA ARG B 132 -15.13 -15.88 -8.97
C ARG B 132 -14.40 -14.68 -8.37
N ASN B 133 -14.14 -14.75 -7.06
CA ASN B 133 -13.46 -13.66 -6.36
C ASN B 133 -12.08 -13.38 -6.92
N LEU B 134 -11.33 -14.46 -7.19
CA LEU B 134 -9.99 -14.31 -7.72
C LEU B 134 -10.01 -13.71 -9.13
N GLU B 135 -10.89 -14.23 -9.99
CA GLU B 135 -11.00 -13.72 -11.35
C GLU B 135 -11.35 -12.24 -11.34
N ARG B 136 -12.43 -11.91 -10.63
CA ARG B 136 -12.89 -10.54 -10.53
C ARG B 136 -11.79 -9.60 -10.04
N ALA B 137 -10.92 -10.11 -9.17
CA ALA B 137 -9.83 -9.31 -8.61
C ALA B 137 -8.58 -9.33 -9.49
N GLY B 138 -8.63 -10.06 -10.59
CA GLY B 138 -7.50 -10.12 -11.49
C GLY B 138 -6.35 -11.03 -11.08
N VAL B 139 -6.58 -11.91 -10.12
CA VAL B 139 -5.55 -12.83 -9.67
C VAL B 139 -5.49 -13.95 -10.72
N LYS B 140 -4.31 -14.32 -11.17
CA LYS B 140 -4.22 -15.33 -12.22
C LYS B 140 -3.41 -16.60 -11.95
N ASN B 141 -2.49 -16.54 -11.00
CA ASN B 141 -1.63 -17.67 -10.69
C ASN B 141 -2.16 -18.61 -9.60
N VAL B 142 -3.42 -18.41 -9.20
CA VAL B 142 -4.01 -19.23 -8.15
C VAL B 142 -4.86 -20.36 -8.70
N HIS B 143 -4.55 -21.58 -8.26
CA HIS B 143 -5.30 -22.76 -8.71
C HIS B 143 -6.13 -23.35 -7.57
N VAL B 144 -7.45 -23.21 -7.70
CA VAL B 144 -8.39 -23.72 -6.71
C VAL B 144 -8.79 -25.16 -7.05
N ILE B 145 -8.53 -26.06 -6.11
CA ILE B 145 -8.79 -27.48 -6.27
C ILE B 145 -9.97 -27.98 -5.42
N LEU B 146 -10.81 -28.83 -5.99
CA LEU B 146 -11.93 -29.39 -5.22
C LEU B 146 -11.43 -30.71 -4.64
N GLY B 147 -11.48 -30.83 -3.31
CA GLY B 147 -11.02 -32.06 -2.69
C GLY B 147 -10.80 -31.95 -1.20
N ASP B 148 -10.39 -33.08 -0.61
CA ASP B 148 -10.12 -33.18 0.81
C ASP B 148 -8.66 -32.82 1.07
N GLY B 149 -8.44 -31.57 1.49
CA GLY B 149 -7.10 -31.08 1.77
C GLY B 149 -6.39 -31.70 2.94
N SER B 150 -7.09 -32.48 3.76
CA SER B 150 -6.42 -33.11 4.91
C SER B 150 -5.44 -34.15 4.35
N LYS B 151 -5.59 -34.45 3.07
CA LYS B 151 -4.73 -35.41 2.38
C LYS B 151 -3.66 -34.66 1.59
N GLY B 152 -3.66 -33.34 1.72
CA GLY B 152 -2.68 -32.52 1.01
C GLY B 152 -3.08 -32.39 -0.45
N PHE B 153 -2.09 -32.39 -1.34
CA PHE B 153 -2.32 -32.29 -2.80
C PHE B 153 -1.07 -32.83 -3.49
N PRO B 154 -0.94 -34.17 -3.54
CA PRO B 154 0.20 -34.86 -4.16
C PRO B 154 0.66 -34.36 -5.54
N PRO B 155 -0.26 -33.99 -6.44
CA PRO B 155 0.17 -33.52 -7.77
C PRO B 155 1.28 -32.47 -7.79
N LYS B 156 1.27 -31.54 -6.84
CA LYS B 156 2.29 -30.50 -6.82
C LYS B 156 3.22 -30.51 -5.60
N ALA B 157 3.21 -31.61 -4.86
CA ALA B 157 4.08 -31.75 -3.69
C ALA B 157 5.49 -32.01 -4.22
N PRO B 158 6.53 -31.70 -3.44
CA PRO B 158 6.55 -31.13 -2.09
C PRO B 158 6.40 -29.60 -2.06
N TYR B 159 5.97 -29.08 -0.90
CA TYR B 159 5.75 -27.66 -0.71
C TYR B 159 6.72 -27.00 0.28
N ASP B 160 6.98 -25.72 0.06
CA ASP B 160 7.85 -24.97 0.95
C ASP B 160 7.07 -24.68 2.23
N VAL B 161 5.78 -24.36 2.06
CA VAL B 161 4.90 -24.09 3.19
C VAL B 161 3.50 -24.56 2.87
N ILE B 162 2.83 -25.12 3.88
CA ILE B 162 1.46 -25.58 3.74
C ILE B 162 0.72 -24.80 4.82
N ILE B 163 -0.30 -24.05 4.43
CA ILE B 163 -1.06 -23.25 5.37
C ILE B 163 -2.49 -23.79 5.46
N VAL B 164 -2.84 -24.28 6.65
CA VAL B 164 -4.15 -24.85 6.89
C VAL B 164 -5.02 -23.83 7.61
N THR B 165 -6.21 -23.58 7.07
CA THR B 165 -7.09 -22.58 7.64
C THR B 165 -8.38 -23.10 8.29
N ALA B 166 -8.29 -24.29 8.89
CA ALA B 166 -9.40 -24.91 9.59
C ALA B 166 -8.72 -25.82 10.62
N GLY B 167 -9.37 -26.02 11.76
CA GLY B 167 -8.76 -26.82 12.82
C GLY B 167 -8.88 -28.32 12.73
N ALA B 168 -7.75 -29.00 12.98
CA ALA B 168 -7.70 -30.45 12.94
C ALA B 168 -7.57 -31.03 14.34
N PRO B 169 -7.92 -32.31 14.51
CA PRO B 169 -7.84 -32.99 15.81
C PRO B 169 -6.40 -33.41 16.09
N LYS B 170 -5.60 -33.47 15.02
CA LYS B 170 -4.20 -33.83 15.10
C LYS B 170 -3.48 -33.34 13.85
N ILE B 171 -2.16 -33.48 13.83
CA ILE B 171 -1.39 -33.05 12.66
C ILE B 171 -1.53 -34.14 11.60
N PRO B 172 -2.12 -33.82 10.44
CA PRO B 172 -2.30 -34.79 9.36
C PRO B 172 -0.95 -35.28 8.82
N GLU B 173 -0.72 -36.58 8.91
CA GLU B 173 0.54 -37.16 8.43
C GLU B 173 0.84 -36.80 6.98
N PRO B 174 -0.19 -36.81 6.10
CA PRO B 174 0.04 -36.47 4.69
C PRO B 174 0.62 -35.06 4.51
N LEU B 175 0.20 -34.13 5.38
CA LEU B 175 0.70 -32.77 5.27
C LEU B 175 2.18 -32.67 5.65
N ILE B 176 2.65 -33.57 6.51
CA ILE B 176 4.06 -33.56 6.88
C ILE B 176 4.87 -34.21 5.77
N GLU B 177 4.35 -35.31 5.23
CA GLU B 177 5.04 -36.03 4.17
C GLU B 177 5.24 -35.17 2.91
N GLN B 178 4.32 -34.25 2.66
CA GLN B 178 4.39 -33.40 1.47
C GLN B 178 5.18 -32.10 1.60
N LEU B 179 5.88 -31.94 2.73
CA LEU B 179 6.70 -30.76 2.93
C LEU B 179 8.10 -31.03 2.43
N LYS B 180 8.75 -30.00 1.90
CA LYS B 180 10.13 -30.15 1.45
C LYS B 180 10.90 -30.21 2.77
N ILE B 181 12.08 -30.80 2.76
CA ILE B 181 12.86 -30.81 3.99
C ILE B 181 13.17 -29.33 4.18
N GLY B 182 12.94 -28.82 5.39
CA GLY B 182 13.18 -27.41 5.64
C GLY B 182 11.90 -26.61 5.46
N GLY B 183 10.86 -27.24 4.92
CA GLY B 183 9.60 -26.56 4.73
C GLY B 183 8.80 -26.51 6.02
N LYS B 184 7.66 -25.81 6.03
CA LYS B 184 6.88 -25.74 7.24
C LYS B 184 5.37 -25.83 7.05
N LEU B 185 4.72 -26.40 8.05
CA LEU B 185 3.27 -26.57 8.07
C LEU B 185 2.72 -25.68 9.19
N ILE B 186 1.76 -24.83 8.86
CA ILE B 186 1.12 -23.94 9.83
C ILE B 186 -0.32 -24.44 9.90
N ILE B 187 -0.74 -24.88 11.09
CA ILE B 187 -2.06 -25.47 11.25
C ILE B 187 -2.65 -25.40 12.66
N PRO B 188 -3.95 -25.10 12.77
CA PRO B 188 -4.58 -25.05 14.09
C PRO B 188 -4.90 -26.50 14.45
N VAL B 189 -4.36 -26.97 15.58
CA VAL B 189 -4.61 -28.35 16.02
C VAL B 189 -5.10 -28.32 17.46
N GLY B 190 -6.19 -29.02 17.73
CA GLY B 190 -6.74 -29.05 19.08
C GLY B 190 -7.75 -30.16 19.28
N SER B 191 -8.02 -30.51 20.55
CA SER B 191 -8.97 -31.57 20.86
C SER B 191 -10.42 -31.15 20.75
N TYR B 192 -10.67 -29.91 20.37
CA TYR B 192 -12.05 -29.44 20.22
C TYR B 192 -12.28 -28.97 18.79
N HIS B 193 -13.53 -29.05 18.34
CA HIS B 193 -13.91 -28.65 16.99
C HIS B 193 -13.61 -27.18 16.70
N LEU B 194 -13.85 -26.32 17.69
CA LEU B 194 -13.68 -24.87 17.50
C LEU B 194 -12.59 -24.19 18.32
N TRP B 195 -11.79 -24.98 19.03
CA TRP B 195 -10.73 -24.40 19.85
C TRP B 195 -9.45 -25.16 19.61
N GLN B 196 -8.45 -24.45 19.10
CA GLN B 196 -7.18 -25.07 18.77
C GLN B 196 -5.97 -24.31 19.26
N GLU B 197 -4.81 -24.91 18.99
CA GLU B 197 -3.52 -24.34 19.32
C GLU B 197 -2.90 -24.11 17.93
N LEU B 198 -2.35 -22.92 17.67
CA LEU B 198 -1.73 -22.64 16.37
C LEU B 198 -0.31 -23.21 16.30
N LEU B 199 -0.14 -24.29 15.54
CA LEU B 199 1.16 -24.94 15.44
C LEU B 199 1.95 -24.63 14.17
N GLU B 200 3.26 -24.53 14.34
CA GLU B 200 4.18 -24.28 13.25
C GLU B 200 5.07 -25.52 13.27
N VAL B 201 5.01 -26.32 12.22
CA VAL B 201 5.79 -27.55 12.15
C VAL B 201 6.86 -27.50 11.05
N ARG B 202 8.12 -27.51 11.46
CA ARG B 202 9.24 -27.49 10.53
C ARG B 202 9.68 -28.91 10.25
N LYS B 203 9.82 -29.26 8.98
CA LYS B 203 10.27 -30.59 8.61
C LYS B 203 11.79 -30.56 8.56
N THR B 204 12.43 -31.48 9.29
CA THR B 204 13.89 -31.54 9.30
C THR B 204 14.36 -32.79 8.57
N LYS B 205 15.67 -32.96 8.45
CA LYS B 205 16.23 -34.11 7.77
C LYS B 205 15.85 -35.43 8.44
N ASP B 206 15.64 -35.41 9.76
CA ASP B 206 15.30 -36.64 10.48
C ASP B 206 14.05 -36.59 11.35
N GLY B 207 13.14 -35.65 11.08
CA GLY B 207 11.93 -35.54 11.87
C GLY B 207 11.23 -34.21 11.71
N ILE B 208 10.78 -33.64 12.82
CA ILE B 208 10.08 -32.35 12.77
C ILE B 208 10.33 -31.53 14.03
N LYS B 209 10.04 -30.24 13.95
CA LYS B 209 10.17 -29.34 15.08
C LYS B 209 8.80 -28.67 15.18
N ILE B 210 8.20 -28.72 16.35
CA ILE B 210 6.89 -28.12 16.57
C ILE B 210 6.97 -26.91 17.48
N LYS B 211 6.46 -25.78 17.00
CA LYS B 211 6.40 -24.54 17.76
C LYS B 211 4.92 -24.21 17.99
N ASN B 212 4.55 -24.09 19.26
CA ASN B 212 3.17 -23.80 19.64
C ASN B 212 3.00 -22.29 19.80
N HIS B 213 2.19 -21.69 18.92
CA HIS B 213 1.97 -20.24 18.97
C HIS B 213 0.82 -19.79 19.86
N GLY B 214 0.12 -20.73 20.49
CA GLY B 214 -0.96 -20.34 21.38
C GLY B 214 -2.36 -20.61 20.87
N GLY B 215 -3.35 -20.33 21.72
CA GLY B 215 -4.74 -20.58 21.38
C GLY B 215 -5.36 -19.75 20.26
N VAL B 216 -6.16 -20.43 19.44
CA VAL B 216 -6.86 -19.78 18.35
C VAL B 216 -8.21 -20.48 18.24
N ALA B 217 -9.11 -19.92 17.45
CA ALA B 217 -10.44 -20.49 17.27
C ALA B 217 -10.80 -20.54 15.80
N PHE B 218 -10.84 -21.75 15.24
CA PHE B 218 -11.15 -21.97 13.83
C PHE B 218 -12.29 -22.97 13.60
N VAL B 219 -12.96 -22.86 12.46
CA VAL B 219 -14.02 -23.80 12.10
C VAL B 219 -13.25 -25.11 11.88
N PRO B 220 -13.92 -26.25 12.05
CA PRO B 220 -13.22 -27.52 11.86
C PRO B 220 -12.80 -27.93 10.46
N LEU B 221 -11.68 -28.63 10.39
CA LEU B 221 -11.16 -29.18 9.14
C LEU B 221 -11.87 -30.52 9.04
N ILE B 222 -12.70 -30.71 8.02
CA ILE B 222 -13.43 -31.95 7.86
C ILE B 222 -12.84 -32.80 6.74
N GLY B 223 -12.45 -34.03 7.09
CA GLY B 223 -11.87 -34.93 6.11
C GLY B 223 -11.25 -36.19 6.68
N GLU B 224 -10.64 -36.97 5.80
CA GLU B 224 -9.99 -38.23 6.16
C GLU B 224 -8.97 -38.08 7.29
N TYR B 225 -8.25 -36.96 7.28
CA TYR B 225 -7.25 -36.71 8.33
C TYR B 225 -7.61 -35.49 9.17
N GLY B 226 -8.90 -35.15 9.18
CA GLY B 226 -9.37 -34.04 9.97
C GLY B 226 -10.49 -34.60 10.82
N TRP B 227 -11.50 -33.80 11.10
CA TRP B 227 -12.63 -34.27 11.89
C TRP B 227 -13.52 -35.10 10.97
N LYS B 228 -14.09 -36.17 11.51
CA LYS B 228 -14.96 -37.04 10.72
C LYS B 228 -16.41 -36.61 10.87
N VAL C 1 4.86 38.02 1.16
CA VAL C 1 4.57 36.57 0.91
C VAL C 1 5.60 35.97 -0.04
N TYR C 2 6.21 34.87 0.37
CA TYR C 2 7.22 34.18 -0.44
C TYR C 2 6.58 33.43 -1.61
N PRO C 3 7.35 33.20 -2.69
CA PRO C 3 6.80 32.48 -3.84
C PRO C 3 6.72 30.99 -3.53
N IAS C 4 5.71 30.05 -4.01
CA IAS C 4 5.50 28.64 -3.67
C IAS C 4 6.74 27.84 -4.08
O IAS C 4 7.62 28.43 -4.89
CB IAS C 4 4.22 28.09 -4.40
CG IAS C 4 2.93 28.58 -3.76
OD1 IAS C 4 2.57 28.10 -2.64
OXT IAS C 4 6.90 26.70 -3.67
N HIS C 5 2.31 29.66 -4.53
CA HIS C 5 0.96 29.95 -4.04
C HIS C 5 0.09 30.45 -5.19
N ALA C 6 -1.21 30.52 -4.96
CA ALA C 6 -2.17 31.00 -5.95
C ALA C 6 -2.53 32.45 -5.69
N VAL D 1 -18.80 -13.07 17.93
CA VAL D 1 -17.62 -13.25 17.04
C VAL D 1 -17.62 -14.66 16.45
N TYR D 2 -17.57 -14.76 15.13
CA TYR D 2 -17.56 -16.05 14.47
C TYR D 2 -16.18 -16.70 14.57
N PRO D 3 -16.11 -18.02 14.36
CA PRO D 3 -14.82 -18.70 14.43
C PRO D 3 -14.02 -18.45 13.17
N IAS D 4 -12.56 -18.32 13.12
CA IAS D 4 -11.72 -17.97 11.97
C IAS D 4 -11.87 -19.04 10.88
O IAS D 4 -12.47 -20.18 11.21
CB IAS D 4 -10.22 -17.86 12.42
CG IAS D 4 -9.94 -16.58 13.16
OD1 IAS D 4 -9.92 -15.48 12.54
OXT IAS D 4 -11.45 -18.83 9.74
N HIS D 5 -9.70 -16.77 14.59
CA HIS D 5 -9.19 -15.59 15.28
C HIS D 5 -8.46 -16.05 16.52
N ALA D 6 -7.77 -15.11 17.17
CA ALA D 6 -7.04 -15.41 18.39
C ALA D 6 -7.75 -14.75 19.57
CL CL E . 21.26 10.35 -6.42
NA NA F . 9.21 26.20 -3.42
O5' ADN G . 10.66 23.44 -3.73
C5' ADN G . 11.05 23.36 -5.09
C4' ADN G . 12.54 22.88 -5.24
O4' ADN G . 12.71 22.97 -6.67
C3' ADN G . 13.64 23.75 -4.71
O3' ADN G . 14.17 23.15 -3.58
C2' ADN G . 14.60 23.87 -5.95
O2' ADN G . 15.81 23.85 -5.64
C1' ADN G . 14.16 22.78 -6.81
N9 ADN G . 14.52 22.85 -8.14
C8 ADN G . 14.61 23.85 -9.04
N7 ADN G . 15.01 23.49 -10.24
C5 ADN G . 15.18 22.10 -10.14
C6 ADN G . 15.58 21.09 -11.06
N6 ADN G . 15.90 21.36 -12.32
N1 ADN G . 15.65 19.79 -10.61
C2 ADN G . 15.34 19.49 -9.32
N3 ADN G . 14.94 20.36 -8.35
C4 ADN G . 14.88 21.65 -8.82
CL CL H . -9.88 -29.89 -9.34
NA NA I . -12.83 -19.84 8.08
O5' ADN J . -12.12 -21.29 5.54
C5' ADN J . -11.51 -22.56 5.51
C4' ADN J . -12.20 -23.55 4.52
O4' ADN J . -11.75 -24.82 5.02
C3' ADN J . -13.69 -23.69 4.53
O3' ADN J . -14.18 -23.05 3.41
C2' ADN J . -13.88 -25.25 4.61
O2' ADN J . -14.82 -25.66 3.90
C1' ADN J . -12.56 -25.77 4.25
N9 ADN J . -12.27 -27.06 4.62
C8 ADN J . -12.55 -27.81 5.69
N7 ADN J . -12.07 -29.03 5.67
C5 ADN J . -11.40 -29.10 4.43
C6 ADN J . -10.65 -30.13 3.76
N6 ADN J . -10.47 -31.35 4.28
N1 ADN J . -10.12 -29.84 2.53
C2 ADN J . -10.29 -28.61 1.97
N3 ADN J . -10.97 -27.56 2.50
C4 ADN J . -11.50 -27.87 3.74
#